data_6XQM
#
_entry.id   6XQM
#
_cell.length_a   40.170
_cell.length_b   75.610
_cell.length_c   83.490
_cell.angle_alpha   90.000
_cell.angle_beta   90.000
_cell.angle_gamma   90.000
#
_symmetry.space_group_name_H-M   'P 21 21 21'
#
loop_
_entity.id
_entity.type
_entity.pdbx_description
1 polymer 'GH16 family protein'
2 branched beta-D-glucopyranose-(1-3)-alpha-D-glucopyranose
3 non-polymer 'PHOSPHATE ION'
4 non-polymer alpha-D-glucopyranose
5 non-polymer 'CALCIUM ION'
6 water water
#
_entity_poly.entity_id   1
_entity_poly.type   'polypeptide(L)'
_entity_poly.pdbx_seq_one_letter_code
;GSHMQQPEGVTAPGNEPMAIPSDYKLVWADEFNTPGAPDAKKWRYDTSRNKEGWYNNELQYYAAGRPENVRVENGNLVIE
TRKERLTSMADYGGQEYSSGKLFTQGLADWQYGYVEVRAKLACGKGMWPAIWMMASDGSTGWPALGSIDIMEMVAWDPTT
IHGTIHTKAYNHVIHTQKGSRTTAADPCGQFHTYSLDWTKDRMLIGVDGHAYMRFDNDHKGNHDTWPFDSPQYLILNVAI
GGWGGQQGVDAAAFPSKMEVDYVRVYQKR
;
_entity_poly.pdbx_strand_id   A
#
loop_
_chem_comp.id
_chem_comp.type
_chem_comp.name
_chem_comp.formula
BGC D-saccharide, beta linking beta-D-glucopyranose 'C6 H12 O6'
CA non-polymer 'CALCIUM ION' 'Ca 2'
GLC D-saccharide, alpha linking alpha-D-glucopyranose 'C6 H12 O6'
PO4 non-polymer 'PHOSPHATE ION' 'O4 P -3'
#
# COMPACT_ATOMS: atom_id res chain seq x y z
N PRO A 7 18.68 9.23 -12.31
CA PRO A 7 17.66 8.29 -12.85
C PRO A 7 16.33 9.03 -13.09
N GLU A 8 15.69 8.77 -14.24
CA GLU A 8 14.63 9.62 -14.86
C GLU A 8 13.68 10.16 -13.77
N GLY A 9 12.86 9.31 -13.17
CA GLY A 9 11.75 9.73 -12.28
C GLY A 9 12.08 9.59 -10.80
N VAL A 10 13.29 9.94 -10.39
CA VAL A 10 13.60 9.99 -8.93
C VAL A 10 13.51 11.45 -8.51
N THR A 11 12.39 11.82 -7.91
CA THR A 11 12.05 13.22 -7.56
C THR A 11 12.09 13.39 -6.04
N ALA A 12 12.14 12.28 -5.31
CA ALA A 12 12.28 12.31 -3.85
C ALA A 12 13.38 11.36 -3.39
N PRO A 13 14.66 11.54 -3.82
CA PRO A 13 15.75 10.63 -3.47
C PRO A 13 16.05 10.64 -1.98
N GLY A 14 16.27 9.46 -1.41
CA GLY A 14 16.78 9.26 -0.06
C GLY A 14 18.02 8.38 -0.07
N ASN A 15 18.81 8.45 1.00
CA ASN A 15 20.04 7.64 1.16
C ASN A 15 20.53 7.78 2.62
N GLU A 16 19.81 7.16 3.56
CA GLU A 16 20.16 7.20 5.00
C GLU A 16 19.51 6.03 5.71
N PRO A 17 20.02 5.64 6.91
CA PRO A 17 19.46 4.49 7.63
C PRO A 17 18.13 4.92 8.25
N MET A 18 17.28 3.96 8.53
CA MET A 18 16.08 4.26 9.32
C MET A 18 15.94 3.15 10.35
N ALA A 19 15.45 3.55 11.53
CA ALA A 19 15.19 2.67 12.68
C ALA A 19 14.10 3.30 13.55
N ILE A 20 13.39 2.46 14.30
CA ILE A 20 12.39 2.90 15.32
C ILE A 20 13.15 3.79 16.29
N PRO A 21 12.77 5.07 16.42
CA PRO A 21 13.45 5.93 17.40
C PRO A 21 13.36 5.36 18.83
N SER A 22 14.33 5.66 19.68
CA SER A 22 14.43 5.08 21.06
C SER A 22 13.25 5.53 21.95
N ASP A 23 12.77 6.76 21.74
CA ASP A 23 11.72 7.39 22.59
C ASP A 23 10.33 7.16 21.96
N TYR A 24 10.20 6.20 21.03
CA TYR A 24 8.91 5.74 20.45
C TYR A 24 8.47 4.44 21.10
N LYS A 25 7.17 4.28 21.20
CA LYS A 25 6.49 3.07 21.70
C LYS A 25 5.62 2.49 20.58
N LEU A 26 5.41 1.19 20.62
CA LEU A 26 4.43 0.44 19.80
C LEU A 26 3.03 0.87 20.24
N VAL A 27 2.22 1.40 19.32
CA VAL A 27 0.86 1.89 19.65
C VAL A 27 -0.15 0.95 19.00
N TRP A 28 0.23 0.22 17.96
CA TRP A 28 -0.74 -0.64 17.22
C TRP A 28 0.01 -1.70 16.43
N ALA A 29 -0.44 -2.95 16.47
CA ALA A 29 0.15 -4.01 15.63
C ALA A 29 -0.91 -5.01 15.21
N ASP A 30 -0.70 -5.62 14.05
CA ASP A 30 -1.30 -6.94 13.74
C ASP A 30 -0.15 -7.89 13.38
N GLU A 31 0.00 -8.94 14.18
CA GLU A 31 1.02 -10.01 14.04
C GLU A 31 0.48 -11.12 13.14
N PHE A 32 -0.83 -11.15 12.88
CA PHE A 32 -1.52 -12.15 12.01
C PHE A 32 -1.22 -13.58 12.49
N ASN A 33 -1.18 -13.80 13.80
CA ASN A 33 -0.88 -15.13 14.41
C ASN A 33 -2.19 -15.83 14.82
N THR A 34 -3.35 -15.34 14.40
CA THR A 34 -4.62 -16.05 14.67
C THR A 34 -5.24 -16.41 13.33
N PRO A 35 -5.07 -17.67 12.88
CA PRO A 35 -5.63 -18.09 11.60
C PRO A 35 -7.13 -17.85 11.49
N GLY A 36 -7.56 -17.58 10.27
CA GLY A 36 -8.97 -17.33 9.92
C GLY A 36 -9.16 -15.99 9.29
N ALA A 37 -10.30 -15.34 9.56
CA ALA A 37 -10.60 -14.00 9.03
C ALA A 37 -9.67 -12.97 9.68
N PRO A 38 -9.31 -11.92 8.94
CA PRO A 38 -8.66 -10.78 9.55
C PRO A 38 -9.45 -10.21 10.73
N ASP A 39 -8.73 -9.67 11.70
CA ASP A 39 -9.36 -9.12 12.93
C ASP A 39 -10.26 -7.93 12.55
N ALA A 40 -11.57 -8.06 12.83
CA ALA A 40 -12.55 -7.04 12.41
C ALA A 40 -12.46 -5.80 13.32
N LYS A 41 -11.68 -5.85 14.39
CA LYS A 41 -11.44 -4.65 15.22
C LYS A 41 -10.30 -3.86 14.59
N LYS A 42 -9.58 -4.43 13.61
CA LYS A 42 -8.36 -3.81 13.03
C LYS A 42 -8.52 -3.48 11.54
N TRP A 43 -9.31 -4.28 10.82
CA TRP A 43 -9.37 -4.26 9.33
C TRP A 43 -10.80 -4.30 8.87
N ARG A 44 -11.06 -3.57 7.80
CA ARG A 44 -12.32 -3.63 7.03
C ARG A 44 -11.96 -3.83 5.57
N TYR A 45 -12.90 -4.39 4.82
CA TYR A 45 -12.82 -4.61 3.35
C TYR A 45 -13.31 -3.33 2.67
N ASP A 46 -12.57 -2.84 1.69
CA ASP A 46 -13.08 -1.79 0.79
C ASP A 46 -13.72 -2.44 -0.44
N THR A 47 -15.02 -2.24 -0.61
CA THR A 47 -15.85 -2.69 -1.75
C THR A 47 -16.44 -1.45 -2.46
N SER A 48 -15.96 -0.23 -2.15
CA SER A 48 -16.62 1.04 -2.58
C SER A 48 -16.70 1.19 -4.11
N ARG A 49 -15.79 0.59 -4.90
CA ARG A 49 -15.79 0.75 -6.38
C ARG A 49 -15.87 -0.59 -7.13
N ASN A 50 -16.36 -1.65 -6.52
CA ASN A 50 -16.54 -2.97 -7.19
C ASN A 50 -17.52 -2.85 -8.39
N LYS A 51 -18.70 -2.26 -8.22
CA LYS A 51 -19.65 -2.09 -9.35
C LYS A 51 -19.08 -1.19 -10.46
N GLU A 52 -18.67 0.02 -10.13
CA GLU A 52 -18.20 1.10 -11.05
CA GLU A 52 -18.26 1.04 -11.15
C GLU A 52 -16.87 0.69 -11.69
N GLY A 53 -16.11 -0.14 -11.02
CA GLY A 53 -14.72 -0.42 -11.43
C GLY A 53 -13.76 0.42 -10.63
N TRP A 54 -12.65 -0.17 -10.23
CA TRP A 54 -11.57 0.53 -9.49
C TRP A 54 -10.86 1.53 -10.41
N TYR A 55 -10.03 2.37 -9.80
CA TYR A 55 -9.31 3.49 -10.47
C TYR A 55 -8.10 2.89 -11.22
N ASN A 56 -7.34 3.72 -11.94
CA ASN A 56 -6.09 3.32 -12.64
C ASN A 56 -6.34 2.22 -13.69
N ASN A 57 -7.51 2.17 -14.32
CA ASN A 57 -7.92 1.09 -15.27
C ASN A 57 -7.72 -0.32 -14.68
N GLU A 58 -7.76 -0.45 -13.36
CA GLU A 58 -7.57 -1.74 -12.66
C GLU A 58 -8.66 -2.75 -13.07
N LEU A 59 -8.29 -4.00 -13.04
CA LEU A 59 -9.11 -5.12 -13.59
C LEU A 59 -9.74 -5.97 -12.48
N GLN A 60 -9.44 -5.71 -11.21
CA GLN A 60 -9.87 -6.66 -10.15
C GLN A 60 -11.24 -6.28 -9.58
N TYR A 61 -11.97 -7.29 -9.13
CA TYR A 61 -13.05 -7.19 -8.12
C TYR A 61 -12.45 -7.43 -6.72
N TYR A 62 -12.68 -6.54 -5.76
CA TYR A 62 -12.14 -6.77 -4.39
C TYR A 62 -13.15 -7.48 -3.49
N ALA A 63 -12.94 -8.77 -3.22
CA ALA A 63 -13.94 -9.62 -2.53
C ALA A 63 -13.85 -9.43 -1.02
N ALA A 64 -14.98 -9.17 -0.37
CA ALA A 64 -15.09 -9.10 1.10
C ALA A 64 -15.54 -10.45 1.62
N GLY A 65 -14.94 -10.93 2.72
CA GLY A 65 -15.46 -12.10 3.44
C GLY A 65 -15.20 -13.39 2.70
N ARG A 66 -14.19 -13.39 1.83
CA ARG A 66 -13.87 -14.59 1.04
C ARG A 66 -12.49 -15.11 1.44
N PRO A 67 -12.36 -16.22 2.20
CA PRO A 67 -11.04 -16.74 2.55
C PRO A 67 -10.13 -16.99 1.33
N GLU A 68 -10.71 -17.27 0.16
CA GLU A 68 -9.97 -17.56 -1.10
C GLU A 68 -9.18 -16.32 -1.59
N ASN A 69 -9.55 -15.13 -1.14
CA ASN A 69 -8.86 -13.87 -1.48
C ASN A 69 -8.14 -13.28 -0.25
N VAL A 70 -8.69 -13.44 0.95
CA VAL A 70 -8.12 -12.78 2.14
C VAL A 70 -8.28 -13.71 3.31
N ARG A 71 -7.15 -14.12 3.89
CA ARG A 71 -7.16 -15.05 5.04
C ARG A 71 -5.84 -14.91 5.79
N VAL A 72 -5.90 -15.19 7.07
CA VAL A 72 -4.72 -15.38 7.92
C VAL A 72 -4.38 -16.87 8.09
N GLU A 73 -3.15 -17.24 7.73
CA GLU A 73 -2.67 -18.65 7.85
C GLU A 73 -1.16 -18.62 8.06
N ASN A 74 -0.64 -19.56 8.85
CA ASN A 74 0.82 -19.79 8.97
C ASN A 74 1.49 -18.48 9.39
N GLY A 75 0.77 -17.63 10.11
CA GLY A 75 1.35 -16.43 10.78
C GLY A 75 1.43 -15.25 9.85
N ASN A 76 0.76 -15.32 8.69
CA ASN A 76 0.72 -14.19 7.73
C ASN A 76 -0.70 -13.87 7.32
N LEU A 77 -0.95 -12.59 7.03
CA LEU A 77 -2.11 -12.22 6.20
C LEU A 77 -1.79 -12.63 4.75
N VAL A 78 -2.74 -13.25 4.06
CA VAL A 78 -2.62 -13.58 2.62
C VAL A 78 -3.67 -12.77 1.87
N ILE A 79 -3.25 -12.01 0.87
CA ILE A 79 -4.14 -11.42 -0.16
C ILE A 79 -3.81 -12.14 -1.48
N GLU A 80 -4.78 -12.84 -2.05
CA GLU A 80 -4.55 -13.72 -3.21
C GLU A 80 -5.40 -13.24 -4.39
N THR A 81 -4.80 -13.11 -5.56
CA THR A 81 -5.48 -12.75 -6.81
C THR A 81 -5.89 -14.06 -7.45
N ARG A 82 -7.02 -14.05 -8.13
CA ARG A 82 -7.50 -15.21 -8.87
C ARG A 82 -8.09 -14.74 -10.17
N LYS A 83 -7.98 -15.57 -11.19
CA LYS A 83 -8.69 -15.28 -12.45
C LYS A 83 -10.01 -16.03 -12.37
N GLU A 84 -11.09 -15.29 -12.09
CA GLU A 84 -12.47 -15.81 -11.92
C GLU A 84 -13.42 -14.60 -11.98
N ARG A 85 -14.63 -14.85 -12.47
CA ARG A 85 -15.75 -13.87 -12.53
C ARG A 85 -16.68 -14.23 -11.38
N LEU A 86 -16.62 -13.46 -10.28
CA LEU A 86 -17.56 -13.57 -9.12
C LEU A 86 -18.91 -12.94 -9.51
N THR A 87 -19.56 -13.53 -10.53
CA THR A 87 -20.72 -12.94 -11.26
C THR A 87 -21.94 -12.96 -10.37
N SER A 88 -21.89 -13.63 -9.22
CA SER A 88 -23.07 -13.75 -8.35
C SER A 88 -23.11 -12.61 -7.33
N MET A 89 -22.04 -11.83 -7.21
CA MET A 89 -22.00 -10.69 -6.26
C MET A 89 -22.95 -9.58 -6.74
N ALA A 90 -23.69 -8.95 -5.84
CA ALA A 90 -24.64 -7.85 -6.19
C ALA A 90 -23.84 -6.63 -6.68
N ASP A 91 -22.62 -6.47 -6.17
CA ASP A 91 -21.70 -5.34 -6.47
C ASP A 91 -20.71 -5.75 -7.58
N TYR A 92 -21.00 -6.80 -8.35
CA TYR A 92 -20.11 -7.28 -9.43
C TYR A 92 -20.06 -6.21 -10.53
N GLY A 93 -18.88 -5.92 -11.06
CA GLY A 93 -18.67 -4.89 -12.10
C GLY A 93 -18.07 -5.48 -13.37
N GLY A 94 -18.37 -6.77 -13.63
CA GLY A 94 -17.91 -7.44 -14.86
C GLY A 94 -16.45 -7.84 -14.80
N GLN A 95 -15.79 -7.82 -13.65
CA GLN A 95 -14.30 -8.00 -13.63
C GLN A 95 -13.94 -9.48 -13.90
N GLU A 96 -12.77 -9.75 -14.50
CA GLU A 96 -12.25 -11.10 -14.90
C GLU A 96 -11.39 -11.67 -13.75
N TYR A 97 -11.15 -10.89 -12.71
CA TYR A 97 -10.27 -11.27 -11.59
C TYR A 97 -10.89 -10.84 -10.26
N SER A 98 -10.44 -11.52 -9.22
CA SER A 98 -10.76 -11.25 -7.80
C SER A 98 -9.44 -11.03 -7.06
N SER A 99 -9.50 -10.24 -5.99
CA SER A 99 -8.33 -9.92 -5.16
C SER A 99 -8.86 -9.41 -3.83
N GLY A 100 -8.00 -8.88 -2.98
CA GLY A 100 -8.41 -8.25 -1.72
C GLY A 100 -7.78 -6.91 -1.48
N LYS A 101 -8.53 -6.08 -0.75
CA LYS A 101 -8.12 -4.75 -0.25
C LYS A 101 -8.63 -4.62 1.18
N LEU A 102 -7.73 -4.55 2.14
CA LEU A 102 -8.03 -4.29 3.56
C LEU A 102 -7.54 -2.88 3.93
N PHE A 103 -8.19 -2.26 4.88
CA PHE A 103 -7.73 -0.95 5.38
C PHE A 103 -8.19 -0.76 6.80
N THR A 104 -7.52 0.14 7.52
CA THR A 104 -7.85 0.42 8.93
C THR A 104 -8.80 1.63 9.03
N GLN A 105 -9.37 2.11 7.92
CA GLN A 105 -10.18 3.34 7.92
C GLN A 105 -11.31 3.16 8.92
N GLY A 106 -11.48 4.20 9.74
CA GLY A 106 -12.54 4.26 10.77
C GLY A 106 -12.17 3.44 12.00
N LEU A 107 -11.15 2.58 11.92
CA LEU A 107 -10.75 1.71 13.05
C LEU A 107 -9.47 2.24 13.71
N ALA A 108 -8.50 2.66 12.92
CA ALA A 108 -7.17 2.99 13.44
C ALA A 108 -6.49 3.96 12.48
N ASP A 109 -5.93 5.02 13.06
CA ASP A 109 -5.24 6.02 12.23
C ASP A 109 -4.19 6.74 13.08
N TRP A 110 -3.27 7.41 12.39
CA TRP A 110 -2.03 7.92 13.02
C TRP A 110 -1.58 9.19 12.35
N GLN A 111 -1.25 10.17 13.18
CA GLN A 111 -0.62 11.43 12.72
C GLN A 111 0.82 11.37 13.18
N TYR A 112 1.75 11.15 12.24
CA TYR A 112 3.20 10.91 12.47
C TYR A 112 3.38 9.47 12.98
N GLY A 113 4.51 8.88 12.62
CA GLY A 113 5.07 7.73 13.35
C GLY A 113 5.92 6.82 12.47
N TYR A 114 6.37 5.72 13.03
CA TYR A 114 7.25 4.77 12.33
C TYR A 114 6.38 3.54 12.05
N VAL A 115 6.12 3.28 10.76
CA VAL A 115 5.31 2.14 10.29
C VAL A 115 6.26 1.12 9.64
N GLU A 116 6.13 -0.12 10.08
CA GLU A 116 6.88 -1.27 9.55
C GLU A 116 5.91 -2.33 9.03
N VAL A 117 6.04 -2.71 7.76
CA VAL A 117 5.23 -3.84 7.25
C VAL A 117 6.21 -4.87 6.67
N ARG A 118 6.21 -6.09 7.23
CA ARG A 118 7.07 -7.18 6.71
C ARG A 118 6.27 -8.03 5.75
N ALA A 119 6.67 -8.07 4.47
CA ALA A 119 5.84 -8.70 3.42
C ALA A 119 6.66 -9.42 2.36
N LYS A 120 6.07 -10.47 1.81
CA LYS A 120 6.53 -11.16 0.58
C LYS A 120 5.46 -10.86 -0.51
N LEU A 121 5.87 -10.42 -1.68
CA LEU A 121 4.99 -9.73 -2.66
C LEU A 121 4.39 -10.72 -3.69
N ALA A 122 3.36 -10.29 -4.42
CA ALA A 122 2.64 -11.05 -5.45
C ALA A 122 3.22 -10.72 -6.84
N CYS A 123 3.72 -11.75 -7.52
CA CYS A 123 4.39 -11.66 -8.84
C CYS A 123 3.44 -12.18 -9.92
N GLY A 124 3.90 -12.11 -11.16
CA GLY A 124 3.12 -12.40 -12.36
C GLY A 124 2.79 -11.10 -13.06
N LYS A 125 3.09 -10.98 -14.35
CA LYS A 125 2.76 -9.77 -15.15
C LYS A 125 1.25 -9.52 -14.96
N GLY A 126 0.92 -8.32 -14.47
CA GLY A 126 -0.46 -7.90 -14.15
C GLY A 126 -0.57 -7.47 -12.70
N MET A 127 0.21 -8.06 -11.81
CA MET A 127 0.02 -7.92 -10.33
C MET A 127 0.66 -6.60 -9.89
N TRP A 128 0.01 -5.92 -8.95
CA TRP A 128 0.43 -4.60 -8.44
C TRP A 128 0.16 -4.57 -6.93
N PRO A 129 0.97 -5.27 -6.13
CA PRO A 129 0.83 -5.26 -4.68
C PRO A 129 1.15 -3.84 -4.18
N ALA A 130 0.45 -3.43 -3.12
CA ALA A 130 0.66 -2.07 -2.50
C ALA A 130 0.48 -2.12 -0.99
N ILE A 131 1.29 -1.32 -0.28
CA ILE A 131 1.19 -1.04 1.18
C ILE A 131 1.25 0.49 1.28
N TRP A 132 0.14 1.10 1.65
CA TRP A 132 -0.02 2.58 1.48
C TRP A 132 -1.03 3.13 2.47
N MET A 133 -1.08 4.43 2.51
CA MET A 133 -1.98 5.16 3.46
C MET A 133 -2.67 6.30 2.71
N MET A 134 -3.80 6.67 3.26
CA MET A 134 -4.57 7.86 2.82
CA MET A 134 -4.60 7.83 2.81
C MET A 134 -5.06 8.62 4.05
N ALA A 135 -5.30 9.92 3.88
CA ALA A 135 -5.71 10.80 5.00
C ALA A 135 -7.10 10.37 5.47
N SER A 136 -7.30 10.36 6.77
CA SER A 136 -8.61 10.00 7.39
C SER A 136 -9.67 11.03 7.01
N ASP A 137 -9.27 12.28 6.87
CA ASP A 137 -10.16 13.39 6.43
C ASP A 137 -9.98 13.55 4.91
N GLY A 138 -10.91 12.96 4.15
CA GLY A 138 -10.87 12.95 2.68
C GLY A 138 -11.64 14.12 2.12
N SER A 139 -12.00 15.11 2.95
CA SER A 139 -12.87 16.21 2.51
C SER A 139 -12.22 16.92 1.29
N THR A 140 -10.89 17.04 1.21
CA THR A 140 -10.27 17.74 0.04
C THR A 140 -10.20 16.83 -1.20
N GLY A 141 -10.65 15.58 -1.13
CA GLY A 141 -10.56 14.61 -2.23
C GLY A 141 -9.13 14.15 -2.52
N TRP A 142 -8.99 13.18 -3.44
CA TRP A 142 -7.67 12.72 -3.96
C TRP A 142 -7.39 13.56 -5.20
N PRO A 143 -6.17 14.12 -5.40
CA PRO A 143 -5.00 13.88 -4.55
C PRO A 143 -4.62 14.91 -3.47
N ALA A 144 -5.49 15.89 -3.19
CA ALA A 144 -5.26 16.96 -2.17
C ALA A 144 -5.06 16.39 -0.78
N LEU A 145 -5.81 15.33 -0.39
CA LEU A 145 -5.88 14.84 1.01
C LEU A 145 -4.50 14.32 1.43
N GLY A 146 -3.74 13.78 0.48
CA GLY A 146 -2.41 13.25 0.82
C GLY A 146 -2.46 11.74 0.87
N SER A 147 -1.54 11.09 0.18
CA SER A 147 -1.46 9.61 0.23
CA SER A 147 -1.45 9.61 0.15
C SER A 147 0.02 9.21 0.27
N ILE A 148 0.28 8.10 0.92
CA ILE A 148 1.64 7.64 1.26
C ILE A 148 1.81 6.20 0.75
N ASP A 149 2.64 6.01 -0.28
CA ASP A 149 2.93 4.64 -0.78
C ASP A 149 4.21 4.13 -0.10
N ILE A 150 4.05 3.35 0.97
CA ILE A 150 5.17 2.75 1.71
C ILE A 150 5.85 1.72 0.80
N MET A 151 5.06 1.02 -0.02
CA MET A 151 5.64 -0.01 -0.93
C MET A 151 4.68 -0.14 -2.12
N GLU A 152 5.14 0.13 -3.33
CA GLU A 152 4.47 -0.45 -4.50
C GLU A 152 5.49 -1.22 -5.33
N MET A 153 4.99 -2.28 -5.92
CA MET A 153 5.75 -3.07 -6.91
C MET A 153 4.80 -3.44 -8.06
N VAL A 154 5.28 -3.34 -9.29
CA VAL A 154 4.54 -3.84 -10.47
C VAL A 154 5.35 -5.00 -11.08
N ALA A 155 4.70 -6.13 -11.24
CA ALA A 155 5.36 -7.47 -11.31
C ALA A 155 5.94 -7.75 -12.69
N TRP A 156 5.75 -6.83 -13.64
CA TRP A 156 6.60 -6.83 -14.88
C TRP A 156 8.03 -6.38 -14.56
N ASP A 157 8.26 -5.77 -13.39
CA ASP A 157 9.59 -5.32 -12.91
C ASP A 157 9.64 -5.65 -11.43
N PRO A 158 9.64 -6.96 -11.09
CA PRO A 158 9.29 -7.40 -9.73
C PRO A 158 10.34 -7.12 -8.65
N THR A 159 11.58 -6.80 -9.01
CA THR A 159 12.68 -6.50 -8.05
C THR A 159 12.72 -4.99 -7.72
N THR A 160 11.94 -4.19 -8.41
CA THR A 160 11.95 -2.72 -8.20
C THR A 160 10.85 -2.36 -7.20
N ILE A 161 11.24 -1.79 -6.07
CA ILE A 161 10.30 -1.29 -5.03
C ILE A 161 10.23 0.22 -5.16
N HIS A 162 9.02 0.77 -5.20
CA HIS A 162 8.72 2.20 -5.40
C HIS A 162 8.17 2.74 -4.09
N GLY A 163 8.66 3.91 -3.67
CA GLY A 163 8.09 4.61 -2.52
C GLY A 163 7.73 5.99 -2.97
N THR A 164 6.52 6.41 -2.70
CA THR A 164 5.97 7.57 -3.39
C THR A 164 5.00 8.27 -2.47
N ILE A 165 4.96 9.60 -2.52
CA ILE A 165 3.84 10.33 -1.91
C ILE A 165 3.15 11.16 -2.99
N HIS A 166 1.89 11.46 -2.73
CA HIS A 166 1.02 12.23 -3.63
C HIS A 166 0.38 13.37 -2.84
N THR A 167 0.43 14.56 -3.43
CA THR A 167 -0.27 15.77 -2.92
C THR A 167 -0.97 16.40 -4.08
N LYS A 168 -1.61 17.54 -3.83
CA LYS A 168 -2.26 18.29 -4.91
C LYS A 168 -1.22 18.77 -5.94
N ALA A 169 -0.13 19.39 -5.48
CA ALA A 169 0.97 19.86 -6.34
C ALA A 169 1.77 18.68 -6.94
N TYR A 170 1.87 17.56 -6.22
CA TYR A 170 2.86 16.46 -6.48
C TYR A 170 2.12 15.13 -6.60
N ASN A 171 1.66 14.76 -7.81
CA ASN A 171 0.86 13.53 -7.96
C ASN A 171 0.98 12.96 -9.38
N HIS A 172 0.64 11.68 -9.53
CA HIS A 172 0.97 10.90 -10.76
C HIS A 172 0.10 11.39 -11.93
N VAL A 173 -1.04 12.00 -11.69
CA VAL A 173 -1.95 12.43 -12.78
C VAL A 173 -1.27 13.51 -13.60
N ILE A 174 -0.53 14.41 -12.94
CA ILE A 174 0.26 15.46 -13.62
C ILE A 174 1.77 15.15 -13.63
N HIS A 175 2.17 13.91 -13.30
CA HIS A 175 3.55 13.34 -13.39
C HIS A 175 4.52 14.10 -12.46
N THR A 176 4.01 14.68 -11.37
CA THR A 176 4.79 15.43 -10.35
C THR A 176 4.89 14.66 -9.03
N GLN A 177 4.47 13.38 -8.99
CA GLN A 177 4.58 12.56 -7.76
C GLN A 177 6.02 12.66 -7.22
N LYS A 178 6.15 12.60 -5.89
CA LYS A 178 7.48 12.63 -5.23
C LYS A 178 7.85 11.20 -4.88
N GLY A 179 8.80 10.62 -5.61
CA GLY A 179 9.09 9.20 -5.45
C GLY A 179 10.52 8.85 -5.68
N SER A 180 10.87 7.65 -5.24
CA SER A 180 12.15 6.99 -5.51
C SER A 180 11.88 5.49 -5.68
N ARG A 181 12.95 4.75 -5.93
CA ARG A 181 12.85 3.29 -6.10
C ARG A 181 14.19 2.66 -5.69
N THR A 182 14.17 1.40 -5.35
CA THR A 182 15.40 0.65 -5.01
C THR A 182 15.22 -0.78 -5.50
N THR A 183 16.28 -1.54 -5.58
CA THR A 183 16.23 -3.00 -5.89
C THR A 183 16.15 -3.78 -4.58
N ALA A 184 15.30 -4.79 -4.52
CA ALA A 184 15.25 -5.76 -3.41
C ALA A 184 15.39 -7.17 -4.01
N ALA A 185 16.11 -8.04 -3.34
CA ALA A 185 16.32 -9.45 -3.77
C ALA A 185 14.99 -10.20 -3.74
N ASP A 186 14.64 -10.83 -4.86
CA ASP A 186 13.46 -11.73 -5.01
C ASP A 186 12.34 -11.32 -4.07
N PRO A 187 11.65 -10.17 -4.26
CA PRO A 187 10.62 -9.73 -3.31
C PRO A 187 9.38 -10.64 -3.22
N CYS A 188 9.14 -11.50 -4.20
CA CYS A 188 8.03 -12.48 -4.18
C CYS A 188 8.42 -13.82 -3.57
N GLY A 189 9.71 -14.12 -3.47
CA GLY A 189 10.13 -15.38 -2.84
C GLY A 189 10.70 -15.21 -1.46
N GLN A 190 11.01 -13.99 -1.01
CA GLN A 190 11.50 -13.81 0.39
C GLN A 190 10.85 -12.55 0.97
N PHE A 191 10.78 -12.47 2.30
CA PHE A 191 10.22 -11.31 3.03
C PHE A 191 11.22 -10.16 3.03
N HIS A 192 10.68 -8.95 3.10
CA HIS A 192 11.44 -7.72 3.32
C HIS A 192 10.58 -6.85 4.23
N THR A 193 11.22 -5.91 4.90
CA THR A 193 10.56 -4.91 5.77
C THR A 193 10.45 -3.61 4.98
N TYR A 194 9.20 -3.14 4.81
CA TYR A 194 8.88 -1.88 4.11
C TYR A 194 8.52 -0.93 5.24
N SER A 195 9.14 0.27 5.26
CA SER A 195 9.17 1.14 6.46
C SER A 195 8.92 2.59 6.05
N LEU A 196 8.11 3.26 6.87
CA LEU A 196 7.81 4.70 6.76
C LEU A 196 8.21 5.32 8.11
N ASP A 197 9.05 6.36 8.06
CA ASP A 197 9.36 7.20 9.23
C ASP A 197 8.77 8.58 8.89
N TRP A 198 7.63 8.89 9.48
CA TRP A 198 6.87 10.14 9.21
C TRP A 198 6.83 11.04 10.45
N THR A 199 7.37 12.23 10.30
CA THR A 199 7.37 13.29 11.35
C THR A 199 6.79 14.53 10.68
N LYS A 200 6.60 15.59 11.46
CA LYS A 200 6.08 16.88 10.93
C LYS A 200 7.09 17.47 9.94
N ASP A 201 8.37 17.05 9.93
CA ASP A 201 9.39 17.79 9.14
C ASP A 201 9.76 16.98 7.88
N ARG A 202 9.55 15.65 7.85
CA ARG A 202 9.90 14.84 6.64
C ARG A 202 9.39 13.39 6.72
N MET A 203 9.30 12.75 5.55
CA MET A 203 9.08 11.29 5.44
C MET A 203 10.34 10.64 4.84
N LEU A 204 10.70 9.50 5.43
CA LEU A 204 11.65 8.52 4.86
C LEU A 204 10.86 7.27 4.52
N ILE A 205 11.11 6.70 3.35
CA ILE A 205 10.50 5.37 2.99
C ILE A 205 11.67 4.45 2.69
N GLY A 206 11.59 3.20 3.15
CA GLY A 206 12.76 2.32 2.94
C GLY A 206 12.45 0.84 2.84
N VAL A 207 13.49 0.08 2.55
CA VAL A 207 13.50 -1.39 2.63
C VAL A 207 14.63 -1.82 3.55
N ASP A 208 14.34 -2.73 4.48
CA ASP A 208 15.31 -3.39 5.38
C ASP A 208 16.21 -2.33 6.03
N GLY A 209 15.65 -1.26 6.60
CA GLY A 209 16.48 -0.31 7.37
C GLY A 209 17.14 0.76 6.50
N HIS A 210 17.03 0.68 5.18
CA HIS A 210 17.62 1.73 4.30
C HIS A 210 16.55 2.62 3.65
N ALA A 211 16.55 3.92 3.95
CA ALA A 211 15.69 4.90 3.23
C ALA A 211 16.32 5.18 1.86
N TYR A 212 15.56 4.87 0.80
CA TYR A 212 15.84 5.21 -0.61
C TYR A 212 14.95 6.37 -1.03
N MET A 213 14.04 6.80 -0.16
CA MET A 213 13.13 7.93 -0.49
C MET A 213 13.14 8.89 0.70
N ARG A 214 13.20 10.16 0.42
CA ARG A 214 13.04 11.24 1.43
C ARG A 214 12.17 12.32 0.80
N PHE A 215 11.13 12.75 1.51
CA PHE A 215 10.31 13.92 1.11
C PHE A 215 10.18 14.87 2.29
N ASP A 216 10.68 16.09 2.08
CA ASP A 216 10.81 17.12 3.13
C ASP A 216 9.55 17.98 3.14
N ASN A 217 9.12 18.34 4.34
CA ASN A 217 8.18 19.46 4.56
C ASN A 217 8.88 20.73 4.07
N ASP A 218 8.33 21.46 3.08
CA ASP A 218 8.95 22.73 2.61
C ASP A 218 8.73 23.87 3.63
N HIS A 219 7.87 23.68 4.62
CA HIS A 219 7.69 24.60 5.77
C HIS A 219 6.94 25.85 5.31
N LYS A 220 6.28 25.83 4.14
CA LYS A 220 5.54 27.02 3.63
C LYS A 220 4.11 27.05 4.20
N GLY A 221 3.67 26.03 4.96
CA GLY A 221 2.26 25.97 5.39
C GLY A 221 1.28 25.87 4.22
N ASN A 222 1.72 25.38 3.05
CA ASN A 222 0.83 25.16 1.87
C ASN A 222 0.37 23.69 1.90
N HIS A 223 -0.94 23.43 2.12
CA HIS A 223 -1.53 22.05 2.11
C HIS A 223 -1.25 21.36 0.76
N ASP A 224 -1.07 22.13 -0.31
CA ASP A 224 -0.81 21.51 -1.64
C ASP A 224 0.55 20.83 -1.70
N THR A 225 1.51 21.19 -0.84
CA THR A 225 2.87 20.65 -0.87
C THR A 225 3.14 19.83 0.39
N TRP A 226 2.41 20.07 1.49
CA TRP A 226 2.50 19.24 2.70
C TRP A 226 1.13 19.14 3.37
N PRO A 227 0.32 18.14 2.96
CA PRO A 227 -0.97 17.87 3.59
C PRO A 227 -0.90 16.88 4.76
N PHE A 228 0.34 16.51 5.15
CA PHE A 228 0.65 15.41 6.09
C PHE A 228 0.72 15.89 7.55
N ASP A 229 -0.19 16.75 8.02
CA ASP A 229 -0.19 17.11 9.47
CA ASP A 229 -0.26 17.25 9.41
C ASP A 229 -1.56 16.72 10.04
N SER A 230 -1.99 15.54 9.66
CA SER A 230 -3.30 14.96 10.08
C SER A 230 -3.27 13.46 9.86
N PRO A 231 -4.14 12.72 10.54
CA PRO A 231 -4.03 11.26 10.56
C PRO A 231 -4.27 10.56 9.23
N GLN A 232 -3.54 9.46 9.05
CA GLN A 232 -3.56 8.58 7.86
C GLN A 232 -3.89 7.16 8.37
N TYR A 233 -4.66 6.41 7.57
CA TYR A 233 -5.02 5.01 7.84
C TYR A 233 -4.26 4.16 6.84
N LEU A 234 -4.12 2.86 7.16
CA LEU A 234 -3.25 1.94 6.40
C LEU A 234 -4.10 1.07 5.49
N ILE A 235 -3.55 0.73 4.33
CA ILE A 235 -4.22 0.00 3.24
C ILE A 235 -3.25 -1.11 2.75
N LEU A 236 -3.77 -2.33 2.61
CA LEU A 236 -3.04 -3.50 2.07
C LEU A 236 -3.86 -4.03 0.89
N ASN A 237 -3.26 -4.15 -0.31
CA ASN A 237 -4.07 -4.63 -1.45
C ASN A 237 -3.19 -5.25 -2.52
N VAL A 238 -3.81 -6.02 -3.40
CA VAL A 238 -3.11 -6.46 -4.65
C VAL A 238 -4.03 -6.11 -5.79
N ALA A 239 -3.65 -5.04 -6.50
CA ALA A 239 -4.41 -4.57 -7.67
C ALA A 239 -3.94 -5.43 -8.88
N ILE A 240 -4.70 -5.39 -9.96
CA ILE A 240 -4.38 -6.12 -11.22
C ILE A 240 -4.59 -5.18 -12.39
N GLY A 241 -3.67 -5.20 -13.35
CA GLY A 241 -3.73 -4.30 -14.49
C GLY A 241 -3.28 -2.91 -14.08
N GLY A 242 -3.80 -1.89 -14.75
CA GLY A 242 -3.20 -0.55 -14.62
C GLY A 242 -1.69 -0.60 -14.82
N TRP A 243 -0.96 -0.01 -13.88
CA TRP A 243 0.52 -0.01 -13.80
C TRP A 243 1.09 -1.44 -13.83
N GLY A 244 0.44 -2.38 -13.12
CA GLY A 244 0.84 -3.78 -13.05
C GLY A 244 0.72 -4.49 -14.40
N GLY A 245 -0.10 -3.96 -15.31
CA GLY A 245 -0.40 -4.56 -16.64
C GLY A 245 0.38 -3.95 -17.80
N GLN A 246 1.36 -3.09 -17.52
CA GLN A 246 2.08 -2.33 -18.58
C GLN A 246 2.71 -3.29 -19.60
N GLN A 247 3.27 -4.43 -19.17
CA GLN A 247 3.84 -5.46 -20.08
C GLN A 247 2.86 -6.62 -20.24
N GLY A 248 1.55 -6.38 -20.16
CA GLY A 248 0.50 -7.42 -20.30
C GLY A 248 0.10 -8.05 -18.99
N VAL A 249 -0.97 -8.87 -19.03
CA VAL A 249 -1.50 -9.66 -17.89
C VAL A 249 -1.37 -11.13 -18.30
N ASP A 250 -0.59 -11.92 -17.58
CA ASP A 250 -0.34 -13.31 -18.00
CA ASP A 250 -0.27 -13.35 -17.90
C ASP A 250 -1.33 -14.20 -17.22
N ALA A 251 -2.13 -14.94 -17.97
CA ALA A 251 -3.21 -15.84 -17.45
C ALA A 251 -2.58 -16.88 -16.53
N ALA A 252 -1.40 -17.41 -16.90
CA ALA A 252 -0.68 -18.44 -16.11
C ALA A 252 -0.26 -17.90 -14.75
N ALA A 253 -0.24 -16.58 -14.54
CA ALA A 253 0.30 -15.93 -13.33
C ALA A 253 -0.71 -16.01 -12.18
N PHE A 254 -1.95 -16.42 -12.43
CA PHE A 254 -3.03 -16.50 -11.41
C PHE A 254 -3.15 -17.94 -10.93
N PRO A 255 -3.30 -18.22 -9.61
CA PRO A 255 -3.40 -17.23 -8.54
C PRO A 255 -2.02 -16.78 -8.05
N SER A 256 -1.94 -15.61 -7.45
CA SER A 256 -0.68 -15.04 -6.91
C SER A 256 -0.99 -14.45 -5.53
N LYS A 257 -0.07 -14.52 -4.57
CA LYS A 257 -0.36 -13.98 -3.22
C LYS A 257 0.71 -13.02 -2.74
N MET A 258 0.27 -12.08 -1.91
CA MET A 258 1.15 -11.25 -1.08
C MET A 258 0.95 -11.78 0.32
N GLU A 259 2.02 -12.00 1.07
CA GLU A 259 1.91 -12.53 2.45
C GLU A 259 2.47 -11.43 3.34
N VAL A 260 1.71 -11.07 4.39
CA VAL A 260 2.13 -10.00 5.34
C VAL A 260 2.34 -10.66 6.69
N ASP A 261 3.59 -10.66 7.14
CA ASP A 261 3.99 -11.28 8.43
C ASP A 261 3.41 -10.41 9.55
N TYR A 262 3.58 -9.12 9.44
CA TYR A 262 3.05 -8.23 10.47
C TYR A 262 2.98 -6.80 9.99
N VAL A 263 2.15 -6.06 10.70
CA VAL A 263 2.13 -4.59 10.66
C VAL A 263 2.45 -4.08 12.07
N ARG A 264 3.39 -3.17 12.19
CA ARG A 264 3.68 -2.54 13.49
C ARG A 264 3.74 -1.03 13.31
N VAL A 265 3.05 -0.30 14.19
CA VAL A 265 3.11 1.17 14.18
C VAL A 265 3.62 1.67 15.53
N TYR A 266 4.65 2.53 15.47
CA TYR A 266 5.24 3.21 16.63
C TYR A 266 5.06 4.73 16.53
N GLN A 267 4.98 5.39 17.69
CA GLN A 267 4.78 6.85 17.81
C GLN A 267 5.62 7.36 19.00
N LYS A 268 6.09 8.61 18.95
CA LYS A 268 6.82 9.29 20.04
C LYS A 268 5.97 9.22 21.31
N ARG A 269 6.60 8.89 22.43
CA ARG A 269 5.99 8.73 23.79
C ARG A 269 5.40 10.06 24.32
C1 GLC B . -1.03 5.57 -5.18
C2 GLC B . -1.97 5.91 -6.28
C3 GLC B . -3.32 5.15 -6.02
C4 GLC B . -3.14 3.58 -5.92
C5 GLC B . -2.15 3.33 -4.77
C6 GLC B . -1.78 1.85 -4.60
O1 GLC B . -1.54 6.32 -4.04
O2 GLC B . -2.14 7.31 -6.25
O3 GLC B . -4.24 5.45 -7.07
O4 GLC B . -4.45 2.88 -5.84
O5 GLC B . -0.95 4.08 -5.02
O6 GLC B . -0.98 1.29 -5.69
C2 BGC B . -5.94 6.76 -8.21
C3 BGC B . -7.04 7.80 -8.02
C4 BGC B . -7.88 7.49 -6.76
C5 BGC B . -6.99 7.29 -5.53
C6 BGC B . -7.72 6.97 -4.23
C1 BGC B . -5.21 6.45 -6.93
O2 BGC B . -5.01 7.16 -9.26
O3 BGC B . -7.84 8.00 -9.19
O4 BGC B . -8.64 8.63 -6.47
O5 BGC B . -6.09 6.26 -5.83
O6 BGC B . -8.36 5.71 -4.46
P PO4 C . -4.95 -10.29 15.98
O1 PO4 C . -6.09 -11.18 16.54
O2 PO4 C . -5.39 -8.80 16.15
O3 PO4 C . -4.71 -10.61 14.48
O4 PO4 C . -3.62 -10.55 16.77
C1 GLC D . 3.40 6.28 -10.25
C2 GLC D . 3.56 6.39 -8.71
C3 GLC D . 2.61 5.44 -7.93
C4 GLC D . 1.19 5.38 -8.49
C5 GLC D . 1.23 4.94 -9.95
C6 GLC D . -0.19 5.09 -10.52
O1 GLC D . 4.47 6.12 -11.18
O2 GLC D . 4.89 6.14 -8.22
O3 GLC D . 2.53 5.77 -6.55
O4 GLC D . 0.33 4.52 -7.73
O5 GLC D . 2.09 5.89 -10.65
O6 GLC D . -0.19 4.74 -11.91
CA CA E . 3.10 -12.95 11.80
#